data_6R8O
#
_entry.id   6R8O
#
_cell.length_a   57.057
_cell.length_b   57.057
_cell.length_c   112.810
_cell.angle_alpha   90.00
_cell.angle_beta   90.00
_cell.angle_gamma   90.00
#
_symmetry.space_group_name_H-M   'P 43 21 2'
#
loop_
_entity.id
_entity.type
_entity.pdbx_description
1 polymer 'Peptidyl-prolyl cis-trans isomerase F, mitochondrial'
2 non-polymer 'TETRAETHYLENE GLYCOL'
3 non-polymer 'SULFATE ION'
4 non-polymer 'PHOSPHATE ION'
5 non-polymer 1-(((2R,3S,6R)-3-hydroxy-2,3,4,6-tetrahydro-1H-2,6-methanobenzo[c][1,5]oxazocin-8-yl)methyl)-3-(2-((R)-2-(2-(methylthio)phenyl)pyrrolidin-1-yl)-2-oxoethyl)urea
6 water water
#
_entity_poly.entity_id   1
_entity_poly.type   'polypeptide(L)'
_entity_poly.pdbx_seq_one_letter_code
;GNPLVYLDVDANGKPLGRVVLELKADVVPKTAENFRALCTGEKGFGYKGSTFHRVIPSFMCQAGDFTNHNGTGGKSIYGS
RFPDENFTLKHVGPGVLSMANAGPNTNGSQFFICTIKTDWLDGKHVVFGHVIEGMDVVKKIESFGSKSGRTSKKIVITDC
GQLS
;
_entity_poly.pdbx_strand_id   A
#
loop_
_chem_comp.id
_chem_comp.type
_chem_comp.name
_chem_comp.formula
JV2 non-polymer 1-(((2R,3S,6R)-3-hydroxy-2,3,4,6-tetrahydro-1H-2,6-methanobenzo[c][1,5]oxazocin-8-yl)methyl)-3-(2-((R)-2-(2-(methylthio)phenyl)pyrrolidin-1-yl)-2-oxoethyl)urea 'C26 H32 N4 O4 S'
PG4 non-polymer 'TETRAETHYLENE GLYCOL' 'C8 H18 O5'
PO4 non-polymer 'PHOSPHATE ION' 'O4 P -3'
SO4 non-polymer 'SULFATE ION' 'O4 S -2'
#
# COMPACT_ATOMS: atom_id res chain seq x y z
N GLY A 1 8.48 19.18 -3.08
CA GLY A 1 7.79 18.25 -4.02
C GLY A 1 7.28 16.98 -3.35
N ASN A 2 6.87 16.06 -4.19
CA ASN A 2 6.33 14.80 -3.73
C ASN A 2 7.42 13.74 -3.52
N PRO A 3 7.28 12.93 -2.46
CA PRO A 3 8.23 11.82 -2.29
C PRO A 3 8.05 10.74 -3.37
N LEU A 4 9.18 10.13 -3.73
CA LEU A 4 9.23 8.85 -4.44
C LEU A 4 9.71 7.81 -3.48
N VAL A 5 8.92 6.76 -3.30
CA VAL A 5 9.31 5.66 -2.44
C VAL A 5 9.28 4.34 -3.20
N TYR A 6 9.87 3.32 -2.60
CA TYR A 6 9.92 1.99 -3.22
C TYR A 6 9.58 0.86 -2.27
N LEU A 7 9.06 -0.21 -2.84
CA LEU A 7 8.84 -1.48 -2.19
C LEU A 7 9.54 -2.58 -3.00
N ASP A 8 10.43 -3.33 -2.36
CA ASP A 8 11.02 -4.53 -2.98
C ASP A 8 10.23 -5.72 -2.43
N VAL A 9 9.69 -6.55 -3.35
CA VAL A 9 8.75 -7.59 -2.99
C VAL A 9 9.26 -8.97 -3.44
N ASP A 10 9.15 -9.96 -2.54
N ASP A 10 9.12 -9.97 -2.58
CA ASP A 10 9.45 -11.38 -2.76
CA ASP A 10 9.45 -11.35 -2.95
C ASP A 10 8.15 -12.20 -2.87
C ASP A 10 8.26 -12.28 -2.72
N ALA A 11 8.27 -13.40 -3.43
CA ALA A 11 7.24 -14.44 -3.34
C ALA A 11 7.98 -15.70 -2.94
N ASN A 12 7.60 -16.30 -1.81
CA ASN A 12 8.32 -17.46 -1.22
C ASN A 12 9.84 -17.28 -1.25
N GLY A 13 10.28 -16.12 -0.79
CA GLY A 13 11.71 -15.88 -0.60
C GLY A 13 12.51 -15.60 -1.86
N LYS A 14 11.83 -15.33 -2.98
CA LYS A 14 12.48 -15.06 -4.27
C LYS A 14 11.97 -13.73 -4.85
N PRO A 15 12.88 -12.82 -5.25
CA PRO A 15 12.49 -11.46 -5.65
C PRO A 15 11.58 -11.35 -6.87
N LEU A 16 10.53 -10.55 -6.76
CA LEU A 16 9.69 -10.17 -7.90
C LEU A 16 10.12 -8.88 -8.58
N GLY A 17 10.80 -8.01 -7.84
CA GLY A 17 11.21 -6.71 -8.34
C GLY A 17 10.77 -5.58 -7.42
N ARG A 18 10.81 -4.38 -7.98
CA ARG A 18 10.60 -3.14 -7.24
C ARG A 18 9.41 -2.37 -7.76
N VAL A 19 8.57 -1.92 -6.83
CA VAL A 19 7.47 -1.01 -7.15
C VAL A 19 7.87 0.39 -6.67
N VAL A 20 7.79 1.37 -7.57
CA VAL A 20 8.07 2.77 -7.22
C VAL A 20 6.75 3.53 -7.20
N LEU A 21 6.55 4.28 -6.10
CA LEU A 21 5.31 5.00 -5.86
C LEU A 21 5.60 6.48 -5.67
N GLU A 22 4.77 7.34 -6.30
CA GLU A 22 4.75 8.77 -6.00
C GLU A 22 3.69 8.94 -4.92
N LEU A 23 4.05 9.71 -3.89
CA LEU A 23 3.12 10.06 -2.81
C LEU A 23 2.69 11.49 -2.99
N LYS A 24 1.38 11.72 -3.08
CA LYS A 24 0.82 13.03 -3.41
C LYS A 24 0.74 13.93 -2.19
N ALA A 25 1.91 14.32 -1.68
CA ALA A 25 2.01 15.24 -0.55
C ALA A 25 1.40 16.60 -0.86
N ASP A 26 1.35 16.95 -2.14
CA ASP A 26 0.68 18.17 -2.60
C ASP A 26 -0.82 18.22 -2.36
N VAL A 27 -1.46 17.05 -2.25
CA VAL A 27 -2.91 16.97 -2.05
C VAL A 27 -3.27 16.44 -0.66
N VAL A 28 -2.52 15.42 -0.19
CA VAL A 28 -2.78 14.74 1.08
C VAL A 28 -1.47 14.63 1.86
N PRO A 29 -0.96 15.77 2.37
CA PRO A 29 0.35 15.75 3.02
C PRO A 29 0.45 14.80 4.23
N LYS A 30 -0.58 14.76 5.07
CA LYS A 30 -0.52 13.92 6.26
C LYS A 30 -0.52 12.43 5.93
N THR A 31 -1.30 12.05 4.92
CA THR A 31 -1.39 10.67 4.48
C THR A 31 -0.12 10.27 3.74
N ALA A 32 0.38 11.16 2.89
CA ALA A 32 1.65 10.89 2.19
C ALA A 32 2.80 10.72 3.18
N GLU A 33 2.86 11.62 4.17
CA GLU A 33 3.95 11.57 5.13
C GLU A 33 3.95 10.26 5.95
N ASN A 34 2.75 9.82 6.34
CA ASN A 34 2.62 8.55 7.06
C ASN A 34 3.25 7.42 6.26
N PHE A 35 2.87 7.29 4.99
CA PHE A 35 3.39 6.21 4.16
C PHE A 35 4.89 6.31 3.94
N ARG A 36 5.35 7.54 3.70
CA ARG A 36 6.76 7.79 3.47
C ARG A 36 7.58 7.30 4.65
N ALA A 37 7.18 7.74 5.84
CA ALA A 37 7.91 7.35 7.04
C ALA A 37 7.82 5.85 7.37
N LEU A 38 6.71 5.22 7.04
CA LEU A 38 6.60 3.78 7.20
C LEU A 38 7.49 3.00 6.21
N CYS A 39 7.77 3.61 5.05
CA CYS A 39 8.72 3.05 4.09
C CYS A 39 10.15 3.15 4.60
N THR A 40 10.53 4.29 5.17
CA THR A 40 11.91 4.44 5.66
C THR A 40 12.13 3.70 6.98
N GLY A 41 11.05 3.51 7.75
CA GLY A 41 11.14 2.92 9.07
C GLY A 41 11.69 3.88 10.14
N GLU A 42 11.72 5.17 9.82
CA GLU A 42 12.41 6.18 10.66
C GLU A 42 11.76 6.41 12.03
N LYS A 43 10.49 6.03 12.20
CA LYS A 43 9.81 6.10 13.51
C LYS A 43 10.03 4.85 14.38
N GLY A 44 10.72 3.85 13.85
CA GLY A 44 11.00 2.63 14.59
C GLY A 44 10.15 1.42 14.23
N PHE A 45 9.26 1.61 13.26
CA PHE A 45 8.41 0.53 12.75
C PHE A 45 8.04 0.92 11.34
N GLY A 46 7.50 -0.05 10.61
CA GLY A 46 7.17 0.18 9.23
C GLY A 46 6.94 -1.08 8.45
N TYR A 47 6.95 -0.92 7.13
CA TYR A 47 6.55 -1.97 6.23
C TYR A 47 7.59 -3.06 6.02
N LYS A 48 8.87 -2.77 6.27
CA LYS A 48 9.92 -3.77 5.99
C LYS A 48 9.64 -5.09 6.72
N GLY A 49 9.54 -6.17 5.95
CA GLY A 49 9.33 -7.50 6.51
C GLY A 49 7.89 -7.95 6.68
N SER A 50 6.94 -7.12 6.22
CA SER A 50 5.52 -7.42 6.28
C SER A 50 5.02 -7.88 4.93
N THR A 51 3.73 -8.25 4.86
CA THR A 51 3.20 -9.02 3.75
C THR A 51 2.11 -8.32 2.97
N PHE A 52 1.87 -8.82 1.76
CA PHE A 52 0.62 -8.57 1.08
C PHE A 52 -0.31 -9.69 1.52
N HIS A 53 -1.28 -9.36 2.37
CA HIS A 53 -2.11 -10.38 3.01
C HIS A 53 -3.39 -10.69 2.26
N ARG A 54 -3.82 -9.79 1.38
CA ARG A 54 -5.05 -9.96 0.63
C ARG A 54 -4.81 -9.47 -0.80
N VAL A 55 -4.88 -10.41 -1.74
CA VAL A 55 -4.58 -10.10 -3.12
C VAL A 55 -5.71 -10.70 -3.96
N ILE A 56 -6.49 -9.83 -4.60
CA ILE A 56 -7.68 -10.25 -5.37
C ILE A 56 -7.44 -9.84 -6.83
N PRO A 57 -7.25 -10.84 -7.71
CA PRO A 57 -7.06 -10.53 -9.12
C PRO A 57 -8.22 -9.73 -9.70
N SER A 58 -7.90 -8.80 -10.61
CA SER A 58 -8.87 -7.88 -11.21
C SER A 58 -9.50 -6.96 -10.18
N PHE A 59 -8.76 -6.70 -9.09
CA PHE A 59 -9.21 -5.74 -8.10
C PHE A 59 -8.04 -4.97 -7.53
N MET A 60 -7.28 -5.57 -6.61
CA MET A 60 -6.21 -4.86 -5.92
C MET A 60 -5.33 -5.82 -5.11
N CYS A 61 -4.19 -5.31 -4.67
CA CYS A 61 -3.23 -5.97 -3.79
C CYS A 61 -3.14 -5.16 -2.52
N GLN A 62 -3.41 -5.81 -1.38
CA GLN A 62 -3.50 -5.11 -0.07
C GLN A 62 -2.39 -5.57 0.85
N ALA A 63 -1.82 -4.61 1.57
CA ALA A 63 -0.68 -4.85 2.43
C ALA A 63 -0.69 -3.89 3.61
N GLY A 64 0.36 -3.94 4.41
CA GLY A 64 0.64 -2.93 5.42
C GLY A 64 0.26 -3.30 6.84
N ASP A 65 -0.21 -4.52 7.08
CA ASP A 65 -0.49 -4.95 8.45
C ASP A 65 0.79 -5.52 9.03
N PHE A 66 1.65 -4.64 9.52
CA PHE A 66 2.92 -5.06 10.06
C PHE A 66 2.86 -5.42 11.55
N THR A 67 1.68 -5.34 12.19
CA THR A 67 1.53 -5.73 13.59
C THR A 67 0.94 -7.12 13.75
N ASN A 68 -0.14 -7.38 13.03
CA ASN A 68 -0.86 -8.66 13.13
C ASN A 68 -0.72 -9.57 11.91
N HIS A 69 -0.23 -9.04 10.79
CA HIS A 69 0.00 -9.81 9.55
C HIS A 69 -1.22 -10.56 9.04
N ASN A 70 -2.40 -10.03 9.34
CA ASN A 70 -3.63 -10.73 8.96
C ASN A 70 -4.80 -9.83 8.52
N GLY A 71 -4.55 -8.56 8.33
CA GLY A 71 -5.59 -7.63 7.94
C GLY A 71 -6.35 -6.95 9.05
N THR A 72 -6.03 -7.25 10.30
CA THR A 72 -6.68 -6.60 11.44
C THR A 72 -5.89 -5.47 12.04
N GLY A 73 -4.61 -5.35 11.68
CA GLY A 73 -3.68 -4.49 12.38
C GLY A 73 -3.03 -3.41 11.53
N GLY A 74 -1.79 -3.09 11.91
CA GLY A 74 -1.11 -1.91 11.44
C GLY A 74 -1.41 -0.69 12.30
N LYS A 75 -0.56 0.31 12.16
CA LYS A 75 -0.72 1.57 12.89
C LYS A 75 -0.01 2.67 12.12
N SER A 76 -0.43 3.90 12.36
CA SER A 76 0.15 5.05 11.71
C SER A 76 1.30 5.63 12.52
N ILE A 77 2.08 6.51 11.90
CA ILE A 77 3.12 7.24 12.61
C ILE A 77 2.55 8.22 13.64
N TYR A 78 1.26 8.51 13.55
CA TYR A 78 0.60 9.45 14.45
C TYR A 78 -0.05 8.77 15.65
N GLY A 79 -0.33 7.48 15.56
CA GLY A 79 -1.19 6.78 16.50
C GLY A 79 -1.87 5.61 15.83
N SER A 80 -2.83 5.00 16.52
CA SER A 80 -3.48 3.80 16.01
C SER A 80 -4.40 4.02 14.82
N ARG A 81 -4.86 5.25 14.65
CA ARG A 81 -5.74 5.65 13.55
C ARG A 81 -5.65 7.14 13.36
N PHE A 82 -5.96 7.60 12.15
CA PHE A 82 -6.02 9.03 11.87
C PHE A 82 -7.12 9.32 10.88
N PRO A 83 -7.61 10.58 10.87
CA PRO A 83 -8.77 10.92 10.05
C PRO A 83 -8.53 10.78 8.54
N ASP A 84 -9.63 10.61 7.83
CA ASP A 84 -9.62 10.76 6.38
C ASP A 84 -9.29 12.20 6.01
N GLU A 85 -8.18 12.39 5.31
CA GLU A 85 -7.63 13.73 5.08
C GLU A 85 -8.51 14.52 4.10
N ASN A 86 -8.75 13.92 2.95
CA ASN A 86 -9.74 14.38 1.98
C ASN A 86 -9.97 13.25 0.98
N PHE A 87 -10.93 13.44 0.08
CA PHE A 87 -11.21 12.45 -0.96
C PHE A 87 -11.01 13.08 -2.35
N THR A 88 -10.05 14.00 -2.44
CA THR A 88 -9.82 14.76 -3.66
C THR A 88 -9.35 13.87 -4.81
N LEU A 89 -8.38 13.01 -4.56
CA LEU A 89 -7.93 12.04 -5.56
C LEU A 89 -8.88 10.86 -5.66
N LYS A 90 -9.05 10.36 -6.88
CA LYS A 90 -10.05 9.33 -7.16
C LYS A 90 -9.36 8.04 -7.62
N HIS A 91 -10.11 6.96 -7.53
CA HIS A 91 -9.65 5.64 -7.93
C HIS A 91 -9.89 5.49 -9.43
N VAL A 92 -9.00 6.11 -10.19
CA VAL A 92 -9.21 6.32 -11.62
C VAL A 92 -8.79 5.13 -12.49
N GLY A 93 -7.98 4.22 -11.96
CA GLY A 93 -7.46 3.11 -12.76
C GLY A 93 -6.44 2.26 -12.05
N PRO A 94 -5.85 1.30 -12.76
CA PRO A 94 -4.73 0.52 -12.23
C PRO A 94 -3.56 1.41 -11.82
N GLY A 95 -2.89 1.03 -10.73
CA GLY A 95 -1.76 1.77 -10.19
C GLY A 95 -2.07 2.78 -9.09
N VAL A 96 -3.34 3.09 -8.87
CA VAL A 96 -3.75 3.93 -7.76
C VAL A 96 -3.34 3.31 -6.41
N LEU A 97 -2.77 4.14 -5.55
CA LEU A 97 -2.35 3.78 -4.19
C LEU A 97 -3.32 4.47 -3.22
N SER A 98 -3.95 3.66 -2.38
CA SER A 98 -5.07 4.15 -1.55
C SER A 98 -5.04 3.47 -0.17
N MET A 99 -5.63 4.12 0.82
CA MET A 99 -5.63 3.60 2.19
C MET A 99 -6.77 2.63 2.43
N ALA A 100 -6.42 1.48 3.00
CA ALA A 100 -7.42 0.56 3.52
C ALA A 100 -8.01 1.16 4.80
N ASN A 101 -9.21 0.74 5.18
CA ASN A 101 -9.78 1.24 6.42
C ASN A 101 -10.86 0.33 6.96
N ALA A 102 -11.28 0.67 8.18
CA ALA A 102 -12.37 -0.03 8.87
C ALA A 102 -13.54 0.94 9.04
N GLY A 103 -13.83 1.72 8.00
CA GLY A 103 -14.86 2.74 8.06
C GLY A 103 -14.27 4.13 8.20
N PRO A 104 -15.12 5.15 8.38
CA PRO A 104 -14.62 6.52 8.44
C PRO A 104 -13.53 6.74 9.50
N ASN A 105 -12.50 7.48 9.11
CA ASN A 105 -11.47 7.95 10.04
C ASN A 105 -10.77 6.82 10.80
N THR A 106 -10.37 5.77 10.07
CA THR A 106 -9.65 4.66 10.64
C THR A 106 -8.41 4.29 9.82
N ASN A 107 -7.75 5.28 9.25
CA ASN A 107 -6.51 5.03 8.52
C ASN A 107 -5.44 4.64 9.50
N GLY A 108 -4.64 3.63 9.15
CA GLY A 108 -3.50 3.22 9.97
C GLY A 108 -2.28 3.14 9.09
N SER A 109 -1.87 1.90 8.79
CA SER A 109 -0.81 1.65 7.80
C SER A 109 -1.27 0.81 6.63
N GLN A 110 -2.39 0.09 6.72
CA GLN A 110 -2.79 -0.78 5.63
C GLN A 110 -3.14 0.06 4.40
N PHE A 111 -2.77 -0.48 3.25
CA PHE A 111 -2.92 0.21 1.96
C PHE A 111 -3.18 -0.81 0.88
N PHE A 112 -3.59 -0.29 -0.28
CA PHE A 112 -3.73 -1.16 -1.45
C PHE A 112 -3.29 -0.46 -2.72
N ILE A 113 -2.88 -1.28 -3.69
CA ILE A 113 -2.53 -0.84 -5.03
C ILE A 113 -3.55 -1.47 -5.96
N CYS A 114 -4.28 -0.63 -6.69
CA CYS A 114 -5.34 -1.10 -7.55
C CYS A 114 -4.78 -1.72 -8.83
N THR A 115 -5.43 -2.77 -9.31
CA THR A 115 -5.11 -3.35 -10.61
C THR A 115 -6.24 -3.13 -11.63
N ILE A 116 -7.28 -2.40 -11.23
CA ILE A 116 -8.36 -1.92 -12.10
C ILE A 116 -8.82 -0.56 -11.57
N LYS A 117 -9.66 0.12 -12.32
CA LYS A 117 -10.40 1.29 -11.81
C LYS A 117 -11.40 0.84 -10.72
N THR A 118 -11.26 1.38 -9.52
CA THR A 118 -12.10 1.03 -8.37
C THR A 118 -12.88 2.25 -7.91
N ASP A 119 -13.61 2.85 -8.85
CA ASP A 119 -14.31 4.12 -8.60
C ASP A 119 -15.42 4.06 -7.55
N TRP A 120 -15.94 2.85 -7.30
CA TRP A 120 -16.87 2.63 -6.22
C TRP A 120 -16.28 2.80 -4.81
N LEU A 121 -14.97 3.00 -4.72
CA LEU A 121 -14.32 3.34 -3.45
C LEU A 121 -14.09 4.83 -3.27
N ASP A 122 -14.43 5.62 -4.29
CA ASP A 122 -14.27 7.07 -4.21
C ASP A 122 -15.12 7.63 -3.07
N GLY A 123 -14.54 8.50 -2.26
CA GLY A 123 -15.24 9.08 -1.13
C GLY A 123 -15.24 8.20 0.11
N LYS A 124 -14.72 6.98 0.00
CA LYS A 124 -14.63 6.05 1.11
C LYS A 124 -13.20 5.73 1.52
N HIS A 125 -12.30 5.66 0.55
CA HIS A 125 -10.88 5.36 0.80
C HIS A 125 -10.07 6.52 0.30
N VAL A 126 -9.10 6.95 1.09
CA VAL A 126 -8.26 8.09 0.75
C VAL A 126 -7.17 7.63 -0.22
N VAL A 127 -7.24 8.16 -1.44
CA VAL A 127 -6.17 7.98 -2.44
C VAL A 127 -5.05 8.95 -2.14
N PHE A 128 -3.81 8.45 -2.19
CA PHE A 128 -2.65 9.28 -1.84
C PHE A 128 -1.40 9.11 -2.71
N GLY A 129 -1.49 8.35 -3.79
CA GLY A 129 -0.40 8.23 -4.70
C GLY A 129 -0.69 7.29 -5.84
N HIS A 130 0.37 6.93 -6.54
CA HIS A 130 0.25 6.01 -7.65
C HIS A 130 1.58 5.38 -8.00
N VAL A 131 1.49 4.30 -8.78
CA VAL A 131 2.66 3.61 -9.29
C VAL A 131 3.32 4.42 -10.42
N ILE A 132 4.62 4.65 -10.24
CA ILE A 132 5.48 5.31 -11.22
C ILE A 132 6.13 4.28 -12.15
N GLU A 133 6.70 3.25 -11.55
CA GLU A 133 7.22 2.09 -12.29
C GLU A 133 7.06 0.82 -11.44
N GLY A 134 7.22 -0.33 -12.08
CA GLY A 134 7.02 -1.60 -11.40
C GLY A 134 5.59 -2.07 -11.41
N MET A 135 4.75 -1.57 -12.30
CA MET A 135 3.41 -2.15 -12.48
C MET A 135 3.46 -3.63 -12.88
N ASP A 136 4.51 -4.03 -13.59
CA ASP A 136 4.72 -5.46 -13.89
C ASP A 136 4.92 -6.30 -12.61
N VAL A 137 5.56 -5.72 -11.60
CA VAL A 137 5.74 -6.37 -10.30
C VAL A 137 4.40 -6.49 -9.56
N VAL A 138 3.57 -5.46 -9.69
CA VAL A 138 2.21 -5.49 -9.11
C VAL A 138 1.41 -6.58 -9.78
N LYS A 139 1.54 -6.72 -11.11
CA LYS A 139 0.87 -7.82 -11.81
C LYS A 139 1.37 -9.19 -11.37
N LYS A 140 2.67 -9.32 -11.09
CA LYS A 140 3.21 -10.58 -10.55
C LYS A 140 2.57 -10.88 -9.21
N ILE A 141 2.50 -9.87 -8.33
CA ILE A 141 1.83 -10.06 -7.04
C ILE A 141 0.38 -10.53 -7.23
N GLU A 142 -0.34 -9.81 -8.08
CA GLU A 142 -1.73 -10.10 -8.43
C GLU A 142 -1.94 -11.55 -8.85
N SER A 143 -0.99 -12.08 -9.60
CA SER A 143 -1.08 -13.47 -10.12
C SER A 143 -1.04 -14.54 -9.03
N PHE A 144 -0.53 -14.21 -7.85
CA PHE A 144 -0.52 -15.14 -6.71
C PHE A 144 -1.73 -14.98 -5.81
N GLY A 145 -2.67 -14.12 -6.17
CA GLY A 145 -3.88 -13.96 -5.40
C GLY A 145 -4.97 -14.90 -5.82
N SER A 146 -6.14 -14.68 -5.25
CA SER A 146 -7.33 -15.47 -5.57
C SER A 146 -8.54 -14.63 -5.25
N LYS A 147 -9.72 -15.05 -5.70
CA LYS A 147 -10.95 -14.31 -5.44
C LYS A 147 -11.22 -14.18 -3.92
N SER A 148 -10.79 -15.18 -3.16
CA SER A 148 -10.88 -15.13 -1.69
C SER A 148 -9.90 -14.15 -1.05
N GLY A 149 -8.92 -13.68 -1.80
CA GLY A 149 -7.85 -12.85 -1.28
C GLY A 149 -6.65 -13.61 -0.77
N ARG A 150 -6.78 -14.91 -0.51
CA ARG A 150 -5.68 -15.72 -0.05
C ARG A 150 -4.62 -15.85 -1.14
N THR A 151 -3.36 -15.71 -0.76
CA THR A 151 -2.28 -15.84 -1.71
C THR A 151 -1.75 -17.28 -1.73
N SER A 152 -1.30 -17.73 -2.90
CA SER A 152 -0.72 -19.07 -3.08
C SER A 152 0.79 -19.13 -2.75
N LYS A 153 1.41 -17.96 -2.64
CA LYS A 153 2.79 -17.85 -2.15
C LYS A 153 2.81 -16.74 -1.10
N LYS A 154 3.77 -16.78 -0.18
CA LYS A 154 3.91 -15.71 0.81
C LYS A 154 4.59 -14.51 0.15
N ILE A 155 3.88 -13.38 0.12
CA ILE A 155 4.34 -12.20 -0.58
C ILE A 155 4.81 -11.19 0.46
N VAL A 156 6.12 -10.88 0.47
CA VAL A 156 6.76 -10.10 1.53
C VAL A 156 7.44 -8.86 0.94
N ILE A 157 7.22 -7.72 1.58
CA ILE A 157 7.98 -6.49 1.33
C ILE A 157 9.32 -6.69 2.06
N THR A 158 10.33 -7.16 1.34
CA THR A 158 11.62 -7.44 1.96
C THR A 158 12.43 -6.18 2.29
N ASP A 159 12.23 -5.12 1.52
N ASP A 159 12.22 -5.12 1.51
CA ASP A 159 12.88 -3.83 1.76
CA ASP A 159 12.91 -3.83 1.68
C ASP A 159 12.00 -2.72 1.20
C ASP A 159 11.99 -2.72 1.19
N CYS A 160 12.18 -1.51 1.71
CA CYS A 160 11.41 -0.35 1.26
C CYS A 160 12.14 0.90 1.72
N GLY A 161 11.82 2.04 1.11
CA GLY A 161 12.51 3.28 1.40
C GLY A 161 12.11 4.42 0.49
N GLN A 162 12.90 5.50 0.53
CA GLN A 162 12.64 6.72 -0.21
C GLN A 162 13.75 6.93 -1.23
N LEU A 163 13.36 7.23 -2.47
CA LEU A 163 14.27 7.55 -3.57
C LEU A 163 14.54 9.05 -3.77
N SER A 164 13.53 9.88 -3.46
CA SER A 164 13.69 11.35 -3.48
C SER A 164 12.51 12.00 -2.77
O1 PG4 B . -5.88 4.72 -15.86
C1 PG4 B . -5.41 5.51 -14.76
C2 PG4 B . -4.15 4.88 -14.15
O2 PG4 B . -3.93 5.34 -12.80
C3 PG4 B . -3.76 6.76 -12.74
C4 PG4 B . -3.27 7.31 -11.38
O3 PG4 B . -2.95 8.71 -11.44
C5 PG4 B . -1.79 8.94 -12.25
C6 PG4 B . -1.28 10.35 -12.17
O4 PG4 B . -0.22 10.44 -13.13
C7 PG4 B . -0.74 10.79 -14.42
C8 PG4 B . 0.33 10.78 -15.46
O5 PG4 B . -0.19 11.37 -16.66
S SO4 C . 6.48 -0.78 -15.41
O1 SO4 C . 6.07 -2.19 -15.38
O2 SO4 C . 7.87 -0.67 -14.83
O3 SO4 C . 6.47 -0.26 -16.81
O4 SO4 C . 5.50 0.02 -14.57
P PO4 D . -10.00 -18.48 -7.60
O1 PO4 D . -8.94 -19.41 -8.15
O2 PO4 D . -10.39 -19.00 -6.24
O3 PO4 D . -11.22 -18.44 -8.48
O4 PO4 D . -9.42 -17.11 -7.52
C1 JV2 E . -11.82 -6.84 1.23
C3 JV2 E . -12.77 -4.90 -0.25
C4 JV2 E . -14.12 -4.77 -0.62
C5 JV2 E . -14.78 -3.56 -0.47
C6 JV2 E . -14.09 -2.46 0.03
C7 JV2 E . -12.76 -2.59 0.40
C8 JV2 E . -12.07 -3.78 0.31
C11 JV2 E . -9.46 -2.37 -0.75
C12 JV2 E . -9.26 -1.87 0.70
N13 JV2 E . -10.10 -2.75 1.51
C16 JV2 E . -11.24 -3.52 3.54
C18 JV2 E . -10.10 -3.72 5.64
C21 JV2 E . -8.96 -3.74 7.81
C23 JV2 E . -8.05 -2.58 9.86
C24 JV2 E . -7.37 -1.53 10.49
C27 JV2 E . -6.09 0.67 11.84
C30 JV2 E . -7.20 -0.40 8.37
C31 JV2 E . -7.86 -1.45 7.76
C32 JV2 E . -7.32 1.32 12.49
C35 JV2 E . -8.55 0.43 12.36
S2 JV2 E . -11.94 -6.44 -0.46
C9 JV2 E . -10.58 -3.86 0.70
C10 JV2 E . -9.70 -3.86 -0.56
C14 JV2 E . -10.34 -2.53 2.81
O15 JV2 E . -9.85 -1.53 3.33
N17 JV2 E . -11.13 -3.21 4.94
O19 JV2 E . -9.32 -4.54 5.13
N20 JV2 E . -9.99 -3.29 6.91
C22 JV2 E . -8.29 -2.55 8.50
C25 JV2 E . -7.16 -1.57 12.00
C26 JV2 E . -5.92 -0.76 12.36
N28 JV2 E . -6.26 0.62 10.37
C29 JV2 E . -6.96 -0.44 9.75
O34 JV2 E . -7.04 1.55 13.89
O36 JV2 E . -8.26 -0.93 12.71
#